data_1RHF
#
_entry.id   1RHF
#
_cell.length_a   109.550
_cell.length_b   109.550
_cell.length_c   62.470
_cell.angle_alpha   90.00
_cell.angle_beta   90.00
_cell.angle_gamma   120.00
#
_symmetry.space_group_name_H-M   'P 61'
#
loop_
_entity.id
_entity.type
_entity.pdbx_description
1 polymer 'Tyrosine-protein kinase receptor TYRO3'
2 non-polymer 'ZINC ION'
3 non-polymer 'ACETATE ION'
4 non-polymer '4-(2-HYDROXYETHYL)-1-PIPERAZINE ETHANESULFONIC ACID'
5 water water
#
_entity_poly.entity_id   1
_entity_poly.type   'polypeptide(L)'
_entity_poly.pdbx_seq_one_letter_code
;AGLKLMGAPVKLTVSQGQPVKLNCSVEG(MSE)EEPDIQWVKDGAVVQNLDQLYIPVSEQHWIGFLSLKSVERSDAGRYW
CQVEDGGETEISQPVWLTVEGVPFFTVEPKDLAVPPNAPFQLSCEAVGPPEPVTIVWWRGTTKIGGPAPSPSVLNVTGVT
QST(MSE)FSCEAHNLKGLASSRTATVHLQ
;
_entity_poly.pdbx_strand_id   A,B
#
loop_
_chem_comp.id
_chem_comp.type
_chem_comp.name
_chem_comp.formula
ACT non-polymer 'ACETATE ION' 'C2 H3 O2 -1'
EPE non-polymer '4-(2-HYDROXYETHYL)-1-PIPERAZINE ETHANESULFONIC ACID' 'C8 H18 N2 O4 S'
ZN non-polymer 'ZINC ION' 'Zn 2'
#
# COMPACT_ATOMS: atom_id res chain seq x y z
N GLY A 7 19.51 -29.44 -5.97
CA GLY A 7 18.72 -28.18 -6.22
C GLY A 7 17.46 -28.09 -5.38
N ALA A 8 17.60 -27.65 -4.13
CA ALA A 8 16.46 -27.27 -3.30
C ALA A 8 16.73 -25.88 -2.70
N PRO A 9 16.44 -24.82 -3.45
CA PRO A 9 16.61 -23.47 -2.91
C PRO A 9 15.56 -23.14 -1.87
N VAL A 10 15.94 -22.35 -0.88
CA VAL A 10 14.97 -21.80 0.03
C VAL A 10 14.44 -20.52 -0.64
N LYS A 11 13.18 -20.20 -0.40
CA LYS A 11 12.52 -19.03 -1.01
C LYS A 11 12.13 -18.02 0.08
N LEU A 12 12.67 -16.82 -0.02
CA LEU A 12 12.44 -15.76 0.94
C LEU A 12 11.68 -14.63 0.25
N THR A 13 10.53 -14.25 0.81
CA THR A 13 9.71 -13.18 0.25
C THR A 13 9.67 -12.01 1.23
N VAL A 14 10.07 -10.82 0.76
CA VAL A 14 10.14 -9.60 1.55
C VAL A 14 9.38 -8.48 0.84
N SER A 15 8.78 -7.59 1.62
CA SER A 15 8.07 -6.42 1.07
C SER A 15 9.05 -5.31 0.72
N GLN A 16 8.78 -4.64 -0.39
CA GLN A 16 9.55 -3.46 -0.84
C GLN A 16 9.81 -2.49 0.32
N GLY A 17 11.06 -2.03 0.45
CA GLY A 17 11.44 -1.07 1.47
C GLY A 17 11.88 -1.63 2.82
N GLN A 18 11.69 -2.92 3.04
CA GLN A 18 12.10 -3.58 4.26
C GLN A 18 13.54 -4.04 4.13
N PRO A 19 14.26 -4.05 5.23
CA PRO A 19 15.58 -4.64 5.25
C PRO A 19 15.48 -6.16 5.19
N VAL A 20 16.54 -6.81 4.73
CA VAL A 20 16.63 -8.24 4.90
C VAL A 20 18.08 -8.69 4.97
N LYS A 21 18.29 -9.83 5.62
CA LYS A 21 19.60 -10.41 5.75
C LYS A 21 19.51 -11.86 5.30
N LEU A 22 20.44 -12.26 4.43
CA LEU A 22 20.53 -13.63 3.93
C LEU A 22 21.69 -14.33 4.59
N ASN A 23 21.60 -15.64 4.71
CA ASN A 23 22.67 -16.41 5.33
C ASN A 23 23.01 -17.67 4.54
N CYS A 24 24.27 -18.06 4.68
CA CYS A 24 24.78 -19.28 4.09
C CYS A 24 25.67 -19.94 5.13
N SER A 25 25.91 -21.23 4.94
CA SER A 25 26.79 -22.02 5.79
C SER A 25 27.85 -22.65 4.90
N VAL A 26 29.10 -22.58 5.35
CA VAL A 26 30.23 -23.15 4.68
C VAL A 26 31.00 -24.03 5.70
N GLU A 27 31.14 -25.31 5.37
CA GLU A 27 31.65 -26.31 6.31
C GLU A 27 32.67 -27.22 5.65
N GLY A 28 33.70 -27.62 6.39
CA GLY A 28 34.70 -28.58 5.93
C GLY A 28 35.99 -27.94 5.45
N MSE A 29 36.29 -26.74 5.93
CA MSE A 29 37.45 -26.01 5.44
C MSE A 29 37.87 -24.94 6.43
O MSE A 29 37.04 -24.20 6.95
CB MSE A 29 37.12 -25.43 4.06
CG MSE A 29 38.06 -24.37 3.55
SE MSE A 29 37.98 -24.24 1.60
CE MSE A 29 39.95 -24.43 1.25
N GLU A 30 39.18 -24.87 6.69
CA GLU A 30 39.67 -23.94 7.73
CA GLU A 30 39.77 -23.84 7.50
C GLU A 30 39.53 -22.43 7.51
C GLU A 30 40.04 -22.70 6.52
N GLU A 31 39.96 -21.94 6.35
N GLU A 31 39.60 -21.50 6.89
CA GLU A 31 39.94 -20.51 6.06
CA GLU A 31 39.88 -20.30 6.11
C GLU A 31 39.42 -20.34 4.65
N PRO A 32 38.12 -20.59 4.44
CA PRO A 32 37.57 -20.53 3.10
C PRO A 32 37.49 -19.07 2.69
N ASP A 33 37.68 -18.78 1.41
CA ASP A 33 37.50 -17.45 0.87
C ASP A 33 36.05 -17.36 0.38
N ILE A 34 35.15 -16.89 1.24
CA ILE A 34 33.72 -16.88 0.89
C ILE A 34 33.32 -15.57 0.22
N GLN A 35 32.46 -15.68 -0.79
CA GLN A 35 31.92 -14.52 -1.50
C GLN A 35 30.44 -14.77 -1.84
N TRP A 36 29.63 -13.74 -1.65
CA TRP A 36 28.23 -13.79 -2.03
C TRP A 36 28.11 -13.52 -3.53
N VAL A 37 27.18 -14.26 -4.15
CA VAL A 37 26.91 -14.19 -5.56
C VAL A 37 25.39 -14.02 -5.75
N LYS A 38 25.02 -13.19 -6.73
CA LYS A 38 23.63 -12.97 -7.10
C LYS A 38 23.51 -13.24 -8.59
N ASP A 39 22.62 -14.17 -8.93
CA ASP A 39 22.41 -14.59 -10.31
C ASP A 39 23.72 -14.85 -11.07
N GLY A 40 24.71 -15.43 -10.41
CA GLY A 40 25.98 -15.79 -11.03
C GLY A 40 27.03 -14.70 -11.08
N ALA A 41 26.73 -13.53 -10.48
CA ALA A 41 27.64 -12.40 -10.43
C ALA A 41 28.09 -12.16 -9.00
N VAL A 42 29.37 -11.92 -8.80
CA VAL A 42 29.89 -11.62 -7.49
C VAL A 42 29.25 -10.32 -7.01
N VAL A 43 28.79 -10.34 -5.77
CA VAL A 43 28.00 -9.27 -5.22
C VAL A 43 28.90 -8.08 -4.93
N GLN A 44 28.39 -6.88 -5.21
CA GLN A 44 29.04 -5.63 -4.88
C GLN A 44 28.04 -4.66 -4.25
N ASN A 45 28.54 -3.81 -3.36
CA ASN A 45 27.79 -2.70 -2.79
C ASN A 45 26.72 -3.18 -1.80
N LEU A 46 27.00 -4.28 -1.12
CA LEU A 46 26.21 -4.77 0.00
C LEU A 46 27.14 -5.17 1.14
N ASP A 47 26.68 -4.95 2.38
CA ASP A 47 27.39 -5.39 3.57
C ASP A 47 27.45 -6.93 3.62
N GLN A 48 28.67 -7.44 3.71
CA GLN A 48 28.95 -8.86 3.77
C GLN A 48 29.71 -9.12 5.06
N LEU A 49 29.33 -10.20 5.76
CA LEU A 49 30.01 -10.62 6.98
C LEU A 49 30.21 -12.13 6.95
N TYR A 50 31.43 -12.57 7.28
CA TYR A 50 31.77 -13.97 7.29
C TYR A 50 32.34 -14.30 8.67
N ILE A 51 31.63 -15.12 9.47
CA ILE A 51 32.12 -15.47 10.81
C ILE A 51 32.26 -16.98 11.08
N PRO A 52 33.19 -17.37 11.96
CA PRO A 52 33.38 -18.78 12.29
C PRO A 52 32.58 -19.13 13.54
N VAL A 53 31.77 -20.18 13.47
CA VAL A 53 31.11 -20.72 14.68
C VAL A 53 32.02 -21.79 15.32
N SER A 54 32.62 -22.65 14.51
CA SER A 54 33.62 -23.61 14.97
C SER A 54 34.82 -23.55 14.04
N GLU A 55 35.80 -24.41 14.29
CA GLU A 55 36.83 -24.65 13.28
C GLU A 55 36.13 -25.45 12.15
N GLN A 56 36.38 -25.02 10.91
CA GLN A 56 35.76 -25.60 9.71
C GLN A 56 34.24 -25.34 9.58
N HIS A 57 33.66 -24.47 10.39
CA HIS A 57 32.25 -24.13 10.26
C HIS A 57 32.08 -22.61 10.26
N TRP A 58 31.76 -22.08 9.08
CA TRP A 58 31.60 -20.63 8.88
C TRP A 58 30.18 -20.33 8.42
N ILE A 59 29.69 -19.16 8.78
CA ILE A 59 28.43 -18.64 8.28
C ILE A 59 28.73 -17.34 7.55
N GLY A 60 28.19 -17.20 6.33
CA GLY A 60 28.14 -15.94 5.61
C GLY A 60 26.81 -15.23 5.74
N PHE A 61 26.87 -13.90 5.72
CA PHE A 61 25.75 -13.03 6.06
C PHE A 61 25.72 -11.87 5.07
N LEU A 62 24.61 -11.66 4.37
CA LEU A 62 24.48 -10.57 3.41
C LEU A 62 23.32 -9.69 3.83
N SER A 63 23.60 -8.42 4.12
CA SER A 63 22.56 -7.45 4.49
C SER A 63 22.15 -6.54 3.33
N LEU A 64 20.86 -6.30 3.22
CA LEU A 64 20.27 -5.34 2.28
C LEU A 64 19.43 -4.37 3.11
N LYS A 65 19.68 -3.08 2.96
CA LYS A 65 19.08 -2.08 3.85
C LYS A 65 17.59 -1.81 3.62
N SER A 66 17.18 -1.91 2.38
CA SER A 66 15.83 -1.51 1.99
C SER A 66 15.57 -2.03 0.58
N VAL A 67 14.89 -3.17 0.50
CA VAL A 67 14.84 -3.93 -0.73
C VAL A 67 13.97 -3.25 -1.79
N GLU A 68 14.43 -3.29 -3.05
CA GLU A 68 13.63 -2.86 -4.18
C GLU A 68 13.56 -4.04 -5.14
N ARG A 69 12.85 -3.88 -6.24
CA ARG A 69 12.66 -4.95 -7.20
C ARG A 69 13.96 -5.49 -7.75
N SER A 70 14.92 -4.59 -7.98
CA SER A 70 16.19 -4.98 -8.58
C SER A 70 17.02 -5.85 -7.63
N ASP A 71 16.67 -5.87 -6.35
CA ASP A 71 17.31 -6.75 -5.37
C ASP A 71 16.86 -8.20 -5.41
N ALA A 72 15.74 -8.46 -6.09
CA ALA A 72 15.26 -9.83 -6.25
C ALA A 72 16.25 -10.62 -7.10
N GLY A 73 16.49 -11.86 -6.68
CA GLY A 73 17.34 -12.77 -7.44
C GLY A 73 17.75 -13.99 -6.62
N ARG A 74 18.61 -14.79 -7.22
CA ARG A 74 19.13 -16.04 -6.64
C ARG A 74 20.47 -15.77 -6.03
N TYR A 75 20.60 -15.94 -4.73
CA TYR A 75 21.84 -15.65 -4.03
C TYR A 75 22.44 -16.90 -3.41
N TRP A 76 23.75 -16.98 -3.43
CA TRP A 76 24.44 -18.07 -2.77
C TRP A 76 25.88 -17.69 -2.44
N CYS A 77 26.53 -18.55 -1.68
CA CYS A 77 27.92 -18.35 -1.35
C CYS A 77 28.78 -19.28 -2.18
N GLN A 78 29.90 -18.76 -2.68
CA GLN A 78 30.91 -19.61 -3.31
C GLN A 78 32.26 -19.41 -2.65
N VAL A 79 33.07 -20.45 -2.69
CA VAL A 79 34.43 -20.41 -2.20
C VAL A 79 35.36 -20.92 -3.31
N GLU A 80 36.51 -20.28 -3.48
CA GLU A 80 37.45 -20.72 -4.51
C GLU A 80 38.19 -22.00 -4.08
N ASP A 81 38.40 -22.89 -5.05
CA ASP A 81 38.87 -24.26 -4.80
C ASP A 81 37.73 -25.06 -4.15
N GLY A 82 37.54 -24.90 -2.84
CA GLY A 82 36.40 -25.49 -2.15
C GLY A 82 36.60 -26.96 -1.85
N GLY A 83 36.59 -27.77 -2.90
CA GLY A 83 36.72 -29.21 -2.76
C GLY A 83 35.48 -29.80 -2.12
N GLU A 84 35.70 -30.50 -1.01
CA GLU A 84 34.62 -31.17 -0.27
C GLU A 84 33.83 -30.23 0.61
N THR A 85 34.12 -28.93 0.48
CA THR A 85 33.42 -27.95 1.28
C THR A 85 31.92 -28.04 1.00
N GLU A 86 31.15 -28.23 2.07
CA GLU A 86 29.69 -28.22 2.05
C GLU A 86 29.19 -26.79 2.11
N ILE A 87 28.40 -26.39 1.12
CA ILE A 87 27.79 -25.06 1.12
C ILE A 87 26.26 -25.13 1.12
N SER A 88 25.63 -24.32 1.98
CA SER A 88 24.18 -24.05 1.97
C SER A 88 23.62 -23.89 0.56
N GLN A 89 22.35 -24.28 0.42
CA GLN A 89 21.62 -24.10 -0.80
C GLN A 89 21.34 -22.60 -1.07
N PRO A 90 21.17 -22.22 -2.32
CA PRO A 90 20.80 -20.84 -2.65
C PRO A 90 19.50 -20.41 -2.01
N VAL A 91 19.40 -19.12 -1.72
CA VAL A 91 18.16 -18.51 -1.34
C VAL A 91 17.62 -17.64 -2.53
N TRP A 92 16.37 -17.86 -2.88
CA TRP A 92 15.71 -17.08 -3.90
C TRP A 92 14.98 -15.93 -3.25
N LEU A 93 15.53 -14.72 -3.37
CA LEU A 93 14.87 -13.53 -2.84
C LEU A 93 13.84 -12.99 -3.83
N THR A 94 12.62 -12.89 -3.35
CA THR A 94 11.48 -12.30 -4.07
C THR A 94 11.08 -11.03 -3.31
N VAL A 95 10.84 -9.95 -4.05
CA VAL A 95 10.41 -8.68 -3.50
C VAL A 95 9.00 -8.37 -3.93
N GLU A 96 8.10 -8.31 -2.94
CA GLU A 96 6.70 -8.08 -3.20
C GLU A 96 6.39 -6.61 -2.99
N GLY A 97 5.38 -6.14 -3.70
CA GLY A 97 4.91 -4.78 -3.52
C GLY A 97 3.85 -4.49 -4.55
N VAL A 98 3.56 -3.21 -4.70
CA VAL A 98 2.53 -2.76 -5.61
C VAL A 98 3.00 -3.04 -7.03
N PRO A 99 2.10 -3.02 -8.01
CA PRO A 99 2.52 -3.33 -9.39
C PRO A 99 3.55 -2.35 -9.95
N PHE A 100 4.39 -2.88 -10.84
CA PHE A 100 5.38 -2.14 -11.57
C PHE A 100 4.99 -2.15 -13.05
N PHE A 101 5.02 -0.98 -13.71
CA PHE A 101 4.71 -0.91 -15.14
C PHE A 101 5.92 -1.24 -15.98
N THR A 102 5.82 -2.38 -16.64
CA THR A 102 6.77 -2.80 -17.67
C THR A 102 6.49 -2.09 -19.01
N VAL A 103 5.22 -1.73 -19.26
CA VAL A 103 4.84 -0.95 -20.44
C VAL A 103 4.04 0.27 -20.05
N GLU A 104 4.60 1.45 -20.27
CA GLU A 104 3.92 2.70 -19.97
C GLU A 104 3.04 3.11 -21.16
N PRO A 105 1.96 3.85 -20.90
CA PRO A 105 1.23 4.48 -22.00
C PRO A 105 2.09 5.60 -22.62
N LYS A 106 2.02 5.73 -23.94
CA LYS A 106 2.89 6.62 -24.73
C LYS A 106 2.17 7.94 -25.05
N ASP A 107 2.91 9.03 -25.10
CA ASP A 107 2.35 10.31 -25.58
C ASP A 107 2.17 10.19 -27.07
N LEU A 108 1.07 10.72 -27.57
CA LEU A 108 0.81 10.76 -29.02
C LEU A 108 0.46 12.16 -29.48
N ALA A 109 0.73 12.45 -30.76
CA ALA A 109 0.07 13.55 -31.46
C ALA A 109 -0.83 12.98 -32.55
N VAL A 110 -2.12 13.31 -32.49
CA VAL A 110 -3.12 12.79 -33.41
C VAL A 110 -3.89 13.97 -34.03
N PRO A 111 -4.52 13.76 -35.17
CA PRO A 111 -5.44 14.77 -35.70
C PRO A 111 -6.75 14.68 -34.94
N PRO A 112 -7.59 15.71 -35.01
CA PRO A 112 -8.87 15.67 -34.30
C PRO A 112 -9.73 14.55 -34.85
N ASN A 113 -10.54 13.92 -33.98
CA ASN A 113 -11.46 12.83 -34.36
C ASN A 113 -10.82 11.66 -35.13
N ALA A 114 -9.52 11.47 -34.93
CA ALA A 114 -8.83 10.31 -35.48
C ALA A 114 -8.66 9.28 -34.37
N PRO A 115 -8.94 8.01 -34.68
CA PRO A 115 -8.76 6.91 -33.73
C PRO A 115 -7.31 6.60 -33.35
N PHE A 116 -7.15 6.06 -32.16
CA PHE A 116 -5.86 5.63 -31.68
C PHE A 116 -5.99 4.58 -30.56
N GLN A 117 -4.86 3.99 -30.22
CA GLN A 117 -4.82 2.96 -29.22
C GLN A 117 -3.68 3.29 -28.26
N LEU A 118 -3.97 3.20 -26.96
CA LEU A 118 -2.91 3.21 -25.96
C LEU A 118 -2.85 1.84 -25.31
N SER A 119 -1.75 1.59 -24.63
CA SER A 119 -1.52 0.32 -23.96
C SER A 119 -0.63 0.51 -22.74
N CYS A 120 -0.84 -0.37 -21.76
CA CYS A 120 0.05 -0.50 -20.63
C CYS A 120 0.08 -1.94 -20.11
N GLU A 121 1.20 -2.28 -19.47
CA GLU A 121 1.41 -3.57 -18.83
C GLU A 121 2.01 -3.34 -17.46
N ALA A 122 1.49 -4.06 -16.48
CA ALA A 122 2.06 -4.03 -15.15
C ALA A 122 2.11 -5.45 -14.57
N VAL A 123 3.13 -5.67 -13.74
CA VAL A 123 3.38 -6.95 -13.11
C VAL A 123 3.61 -6.80 -11.61
N GLY A 124 3.46 -7.93 -10.91
CA GLY A 124 3.74 -8.04 -9.49
C GLY A 124 5.19 -8.43 -9.29
N PRO A 125 5.50 -9.28 -8.30
CA PRO A 125 4.52 -9.97 -7.47
C PRO A 125 4.04 -9.11 -6.30
N PRO A 126 2.93 -9.48 -5.68
CA PRO A 126 2.13 -10.65 -6.06
C PRO A 126 1.35 -10.50 -7.37
N GLU A 127 0.98 -11.64 -7.96
CA GLU A 127 0.04 -11.71 -9.08
C GLU A 127 -1.28 -12.27 -8.54
N PRO A 128 -2.41 -12.03 -9.19
CA PRO A 128 -2.50 -11.26 -10.45
C PRO A 128 -2.62 -9.73 -10.28
N VAL A 129 -2.39 -9.03 -11.40
CA VAL A 129 -2.51 -7.58 -11.50
C VAL A 129 -3.69 -7.22 -12.42
N THR A 130 -4.53 -6.27 -11.98
CA THR A 130 -5.58 -5.71 -12.84
C THR A 130 -5.32 -4.23 -13.11
N ILE A 131 -5.83 -3.75 -14.23
CA ILE A 131 -5.63 -2.37 -14.68
C ILE A 131 -6.96 -1.67 -14.96
N VAL A 132 -7.03 -0.40 -14.56
CA VAL A 132 -8.12 0.49 -14.90
C VAL A 132 -7.49 1.63 -15.71
N TRP A 133 -8.21 2.17 -16.68
CA TRP A 133 -7.76 3.34 -17.44
C TRP A 133 -8.52 4.57 -16.96
N TRP A 134 -7.78 5.66 -16.74
CA TRP A 134 -8.34 6.98 -16.46
C TRP A 134 -8.14 7.91 -17.66
N ARG A 135 -9.18 8.64 -18.04
CA ARG A 135 -9.05 9.68 -19.04
C ARG A 135 -9.47 10.95 -18.33
N GLY A 136 -8.53 11.87 -18.13
CA GLY A 136 -8.77 12.99 -17.23
C GLY A 136 -8.98 12.40 -15.83
N THR A 137 -10.17 12.57 -15.28
CA THR A 137 -10.54 12.01 -13.97
C THR A 137 -11.66 10.98 -14.10
N THR A 138 -11.85 10.44 -15.30
CA THR A 138 -12.97 9.55 -15.61
C THR A 138 -12.46 8.14 -15.80
N LYS A 139 -13.01 7.20 -15.08
CA LYS A 139 -12.70 5.78 -15.28
C LYS A 139 -13.35 5.33 -16.59
N ILE A 140 -12.53 4.81 -17.49
CA ILE A 140 -13.02 4.22 -18.73
C ILE A 140 -13.05 2.71 -18.59
N GLY A 141 -11.89 2.10 -18.81
CA GLY A 141 -11.79 0.67 -19.02
C GLY A 141 -11.37 -0.02 -17.76
N GLY A 142 -11.56 -1.34 -17.73
CA GLY A 142 -11.21 -2.16 -16.59
C GLY A 142 -12.26 -2.14 -15.49
N PRO A 143 -12.00 -2.88 -14.40
CA PRO A 143 -10.75 -3.62 -14.19
C PRO A 143 -10.66 -4.87 -15.07
N ALA A 144 -9.52 -5.00 -15.73
CA ALA A 144 -9.22 -6.12 -16.61
C ALA A 144 -7.77 -6.50 -16.40
N PRO A 145 -7.40 -7.72 -16.77
CA PRO A 145 -6.02 -8.19 -16.60
C PRO A 145 -4.99 -7.46 -17.47
N SER A 146 -3.72 -7.60 -17.10
CA SER A 146 -2.61 -7.12 -17.89
C SER A 146 -2.24 -8.21 -18.91
N PRO A 147 -1.83 -7.86 -20.13
CA PRO A 147 -1.71 -6.48 -20.65
C PRO A 147 -3.05 -5.85 -21.03
N SER A 148 -3.10 -4.52 -21.01
CA SER A 148 -4.32 -3.77 -21.24
C SER A 148 -4.14 -2.85 -22.45
N VAL A 149 -5.16 -2.78 -23.30
CA VAL A 149 -5.19 -1.80 -24.38
C VAL A 149 -6.42 -0.94 -24.22
N LEU A 150 -6.32 0.29 -24.71
CA LEU A 150 -7.43 1.19 -24.72
C LEU A 150 -7.61 1.72 -26.16
N ASN A 151 -8.78 1.44 -26.74
CA ASN A 151 -9.14 2.01 -28.04
C ASN A 151 -9.96 3.27 -27.91
N VAL A 152 -9.45 4.35 -28.51
CA VAL A 152 -10.10 5.64 -28.44
C VAL A 152 -10.47 6.09 -29.86
N THR A 153 -11.72 6.50 -30.01
CA THR A 153 -12.27 6.87 -31.32
C THR A 153 -11.66 8.17 -31.83
N GLY A 154 -11.30 9.04 -30.89
CA GLY A 154 -10.67 10.31 -31.17
C GLY A 154 -10.82 11.30 -30.02
N VAL A 155 -10.09 12.40 -30.11
CA VAL A 155 -10.17 13.52 -29.18
C VAL A 155 -10.19 14.82 -29.99
N THR A 156 -10.69 15.90 -29.40
CA THR A 156 -10.70 17.21 -30.06
C THR A 156 -9.86 18.23 -29.37
N GLN A 157 -9.28 17.82 -28.25
CA GLN A 157 -8.32 18.64 -27.55
C GLN A 157 -7.28 17.74 -26.85
N SER A 158 -6.22 18.36 -26.37
CA SER A 158 -5.21 17.65 -25.60
C SER A 158 -5.89 17.02 -24.38
N THR A 159 -5.59 15.74 -24.21
CA THR A 159 -6.24 14.86 -23.26
C THR A 159 -5.17 14.03 -22.53
N MSE A 160 -5.35 13.83 -21.23
CA MSE A 160 -4.48 12.96 -20.44
C MSE A 160 -5.11 11.57 -20.17
O MSE A 160 -6.30 11.46 -19.87
CB MSE A 160 -4.13 13.62 -19.13
CG MSE A 160 -3.23 14.79 -19.28
SE MSE A 160 -2.64 15.47 -17.52
CE MSE A 160 -0.77 15.96 -18.04
N PHE A 161 -4.29 10.55 -20.29
CA PHE A 161 -4.63 9.17 -20.03
C PHE A 161 -3.58 8.54 -19.11
N SER A 162 -4.04 7.76 -18.13
CA SER A 162 -3.13 6.98 -17.30
C SER A 162 -3.71 5.63 -16.88
N CYS A 163 -2.84 4.68 -16.58
CA CYS A 163 -3.29 3.41 -16.04
C CYS A 163 -3.08 3.38 -14.53
N GLU A 164 -3.98 2.69 -13.84
CA GLU A 164 -3.85 2.40 -12.42
C GLU A 164 -3.92 0.88 -12.26
N ALA A 165 -2.82 0.32 -11.76
CA ALA A 165 -2.67 -1.11 -11.57
C ALA A 165 -2.89 -1.47 -10.09
N HIS A 166 -3.51 -2.63 -9.86
CA HIS A 166 -3.91 -3.10 -8.55
C HIS A 166 -3.50 -4.56 -8.33
N ASN A 167 -2.91 -4.85 -7.18
CA ASN A 167 -2.68 -6.23 -6.71
C ASN A 167 -2.97 -6.30 -5.20
N LEU A 168 -2.59 -7.43 -4.57
CA LEU A 168 -2.84 -7.60 -3.13
C LEU A 168 -2.23 -6.48 -2.30
N LYS A 169 -1.05 -5.99 -2.71
CA LYS A 169 -0.27 -5.01 -1.96
C LYS A 169 -0.77 -3.56 -2.11
N GLY A 170 -1.62 -3.31 -3.09
CA GLY A 170 -2.20 -2.00 -3.31
C GLY A 170 -2.13 -1.53 -4.77
N LEU A 171 -1.89 -0.23 -4.92
CA LEU A 171 -2.07 0.50 -6.17
C LEU A 171 -0.78 1.13 -6.65
N ALA A 172 -0.59 1.13 -7.97
CA ALA A 172 0.42 1.95 -8.63
C ALA A 172 -0.18 2.64 -9.84
N SER A 173 0.19 3.90 -10.06
CA SER A 173 -0.11 4.63 -11.29
C SER A 173 1.02 4.54 -12.34
N SER A 174 0.63 4.44 -13.61
CA SER A 174 1.56 4.63 -14.72
C SER A 174 1.93 6.09 -14.81
N ARG A 175 2.94 6.40 -15.63
CA ARG A 175 3.11 7.75 -16.13
C ARG A 175 1.81 8.20 -16.81
N THR A 176 1.57 9.50 -16.81
CA THR A 176 0.48 10.07 -17.55
C THR A 176 0.89 10.36 -18.98
N ALA A 177 0.22 9.69 -19.91
CA ALA A 177 0.35 10.00 -21.32
C ALA A 177 -0.48 11.22 -21.67
N THR A 178 0.06 12.08 -22.54
CA THR A 178 -0.70 13.17 -23.10
C THR A 178 -0.86 12.94 -24.59
N VAL A 179 -2.10 12.99 -25.06
CA VAL A 179 -2.40 12.94 -26.47
C VAL A 179 -2.72 14.36 -26.91
N HIS A 180 -1.87 14.95 -27.74
CA HIS A 180 -2.05 16.33 -28.19
C HIS A 180 -2.49 16.38 -29.66
N LEU A 181 -3.05 17.50 -30.10
CA LEU A 181 -3.43 17.67 -31.52
C LEU A 181 -2.20 17.95 -32.39
N GLN A 182 -2.10 17.28 -33.55
CA GLN A 182 -1.00 17.52 -34.49
C GLN A 182 -1.18 18.88 -35.20
N GLY B 7 -27.22 21.34 1.67
CA GLY B 7 -27.90 20.74 0.48
C GLY B 7 -26.96 19.85 -0.35
N ALA B 8 -25.88 20.45 -0.89
CA ALA B 8 -24.95 19.79 -1.80
C ALA B 8 -23.48 19.88 -1.34
N PRO B 9 -23.06 19.06 -0.36
CA PRO B 9 -21.67 19.12 0.10
C PRO B 9 -20.68 18.67 -1.00
N VAL B 10 -19.50 19.26 -0.97
CA VAL B 10 -18.41 18.88 -1.82
C VAL B 10 -17.65 17.73 -1.13
N LYS B 11 -17.23 16.72 -1.87
CA LYS B 11 -16.59 15.54 -1.29
C LYS B 11 -15.11 15.52 -1.67
N LEU B 12 -14.25 15.58 -0.66
CA LEU B 12 -12.82 15.55 -0.86
C LEU B 12 -12.22 14.26 -0.26
N THR B 13 -11.43 13.53 -1.05
CA THR B 13 -10.77 12.30 -0.63
C THR B 13 -9.26 12.47 -0.71
N VAL B 14 -8.59 12.13 0.38
CA VAL B 14 -7.15 12.29 0.55
C VAL B 14 -6.62 10.99 1.16
N SER B 15 -5.42 10.59 0.78
CA SER B 15 -4.80 9.37 1.31
C SER B 15 -4.12 9.68 2.64
N GLN B 16 -4.07 8.68 3.54
CA GLN B 16 -3.43 8.81 4.84
C GLN B 16 -2.00 9.33 4.69
N GLY B 17 -1.62 10.23 5.58
CA GLY B 17 -0.26 10.75 5.61
C GLY B 17 -0.04 11.96 4.74
N GLN B 18 -1.05 12.36 3.96
CA GLN B 18 -0.93 13.45 3.00
C GLN B 18 -1.45 14.75 3.61
N PRO B 19 -0.92 15.89 3.20
CA PRO B 19 -1.50 17.17 3.63
C PRO B 19 -2.75 17.52 2.80
N VAL B 20 -3.59 18.39 3.33
CA VAL B 20 -4.69 18.94 2.54
C VAL B 20 -5.09 20.30 3.10
N LYS B 21 -5.63 21.15 2.23
CA LYS B 21 -6.07 22.47 2.63
C LYS B 21 -7.50 22.58 2.14
N LEU B 22 -8.42 22.92 3.05
CA LEU B 22 -9.82 23.12 2.74
C LEU B 22 -10.11 24.60 2.57
N ASN B 23 -11.09 24.93 1.73
CA ASN B 23 -11.53 26.31 1.63
C ASN B 23 -13.04 26.48 1.68
N CYS B 24 -13.43 27.69 2.04
CA CYS B 24 -14.82 28.12 2.07
C CYS B 24 -14.88 29.54 1.52
N SER B 25 -16.07 29.96 1.12
CA SER B 25 -16.32 31.32 0.67
C SER B 25 -17.45 31.90 1.50
N VAL B 26 -17.28 33.14 1.92
CA VAL B 26 -18.31 33.85 2.63
C VAL B 26 -18.56 35.18 1.91
N GLU B 27 -19.80 35.40 1.52
CA GLU B 27 -20.17 36.59 0.74
C GLU B 27 -21.35 37.32 1.39
N GLY B 28 -21.42 38.63 1.19
CA GLY B 28 -22.49 39.47 1.71
C GLY B 28 -22.15 40.28 2.96
N MSE B 29 -20.92 40.15 3.44
CA MSE B 29 -20.49 40.87 4.63
C MSE B 29 -19.16 41.55 4.41
O MSE B 29 -18.23 40.96 3.85
CB MSE B 29 -20.40 39.93 5.84
CG MSE B 29 -21.62 39.92 6.73
SE MSE B 29 -21.30 39.01 8.45
CE MSE B 29 -21.75 40.56 9.67
N GLU B 30 -19.07 42.80 4.87
CA GLU B 30 -17.86 43.58 4.77
C GLU B 30 -16.72 43.03 5.65
N GLU B 31 -17.06 42.72 6.90
CA GLU B 31 -16.09 42.40 7.95
C GLU B 31 -16.52 41.18 8.78
N PRO B 32 -16.65 40.02 8.12
CA PRO B 32 -17.14 38.82 8.79
C PRO B 32 -16.08 38.22 9.71
N ASP B 33 -16.49 37.73 10.87
CA ASP B 33 -15.61 36.93 11.73
C ASP B 33 -15.92 35.46 11.38
N ILE B 34 -15.04 34.86 10.60
CA ILE B 34 -15.28 33.52 10.08
C ILE B 34 -14.55 32.52 10.94
N GLN B 35 -15.23 31.44 11.30
CA GLN B 35 -14.62 30.32 11.97
C GLN B 35 -14.85 29.04 11.19
N TRP B 36 -13.84 28.18 11.14
CA TRP B 36 -14.01 26.80 10.65
C TRP B 36 -14.59 25.90 11.75
N VAL B 37 -15.46 24.98 11.34
CA VAL B 37 -16.16 24.03 12.23
C VAL B 37 -15.93 22.62 11.66
N LYS B 38 -15.67 21.63 12.51
CA LYS B 38 -15.67 20.23 12.11
C LYS B 38 -16.65 19.47 12.96
N ASP B 39 -17.65 18.87 12.31
CA ASP B 39 -18.64 18.05 12.98
C ASP B 39 -19.27 18.74 14.18
N GLY B 40 -19.57 20.03 14.04
CA GLY B 40 -20.28 20.77 15.08
C GLY B 40 -19.43 21.59 16.02
N ALA B 41 -18.12 21.32 16.06
CA ALA B 41 -17.20 22.02 16.94
C ALA B 41 -16.24 22.93 16.19
N VAL B 42 -16.10 24.16 16.70
CA VAL B 42 -15.17 25.13 16.17
C VAL B 42 -13.74 24.56 16.20
N VAL B 43 -12.97 24.91 15.18
CA VAL B 43 -11.61 24.44 15.00
C VAL B 43 -10.67 25.51 15.52
N GLN B 44 -9.79 25.13 16.44
CA GLN B 44 -8.98 26.06 17.23
C GLN B 44 -7.53 26.07 16.79
N ASN B 45 -6.92 24.89 16.67
CA ASN B 45 -5.46 24.77 16.54
C ASN B 45 -4.88 24.62 15.12
N LEU B 46 -5.68 24.18 14.16
CA LEU B 46 -5.18 24.06 12.78
C LEU B 46 -4.94 25.42 12.15
N ASP B 47 -3.88 25.52 11.35
CA ASP B 47 -3.56 26.74 10.58
C ASP B 47 -4.82 27.23 9.85
N GLN B 48 -5.36 28.37 10.26
CA GLN B 48 -6.53 29.01 9.63
C GLN B 48 -6.14 30.33 9.01
N LEU B 49 -6.62 30.62 7.80
CA LEU B 49 -6.43 31.91 7.18
C LEU B 49 -7.74 32.45 6.58
N TYR B 50 -7.99 33.75 6.76
CA TYR B 50 -9.19 34.41 6.27
C TYR B 50 -8.77 35.65 5.48
N ILE B 51 -9.20 35.72 4.23
CA ILE B 51 -8.72 36.75 3.32
C ILE B 51 -9.89 37.35 2.55
N PRO B 52 -9.92 38.68 2.39
CA PRO B 52 -10.92 39.33 1.54
C PRO B 52 -10.43 39.32 0.10
N VAL B 53 -11.24 38.84 -0.82
CA VAL B 53 -10.86 38.87 -2.23
C VAL B 53 -11.35 40.18 -2.86
N SER B 54 -12.59 40.53 -2.54
CA SER B 54 -13.20 41.77 -3.01
C SER B 54 -14.13 42.30 -1.89
N GLU B 55 -14.88 43.36 -2.20
CA GLU B 55 -15.84 43.89 -1.25
C GLU B 55 -16.97 42.87 -1.06
N GLN B 56 -17.28 42.58 0.21
CA GLN B 56 -18.28 41.58 0.58
C GLN B 56 -18.03 40.15 0.03
N HIS B 57 -16.77 39.79 -0.21
CA HIS B 57 -16.41 38.44 -0.62
C HIS B 57 -15.14 38.05 0.11
N TRP B 58 -15.25 37.04 0.96
CA TRP B 58 -14.11 36.45 1.68
C TRP B 58 -13.96 34.93 1.35
N ILE B 59 -12.72 34.46 1.50
CA ILE B 59 -12.38 33.03 1.45
C ILE B 59 -11.76 32.63 2.79
N GLY B 60 -12.15 31.48 3.34
CA GLY B 60 -11.47 30.88 4.49
C GLY B 60 -10.65 29.65 4.10
N PHE B 61 -9.58 29.38 4.85
CA PHE B 61 -8.57 28.39 4.48
C PHE B 61 -8.16 27.61 5.73
N LEU B 62 -8.08 26.28 5.62
CA LEU B 62 -7.81 25.41 6.77
C LEU B 62 -6.80 24.35 6.36
N SER B 63 -5.69 24.23 7.08
CA SER B 63 -4.59 23.37 6.67
C SER B 63 -4.52 22.18 7.60
N LEU B 64 -4.46 20.99 7.01
CA LEU B 64 -4.19 19.76 7.75
C LEU B 64 -2.85 19.23 7.27
N LYS B 65 -1.97 18.94 8.22
CA LYS B 65 -0.60 18.50 7.87
CA LYS B 65 -0.69 18.31 7.97
C LYS B 65 -0.34 17.12 7.26
C LYS B 65 -1.07 16.83 8.10
N SER B 66 -0.90 16.08 7.86
N SER B 66 -0.57 16.03 7.18
CA SER B 66 -0.67 14.70 7.43
CA SER B 66 -0.63 14.57 7.30
C SER B 66 -1.88 13.95 7.94
N VAL B 67 -2.90 13.79 7.11
CA VAL B 67 -4.20 13.39 7.61
C VAL B 67 -4.21 11.94 8.11
N GLU B 68 -4.98 11.72 9.17
CA GLU B 68 -5.21 10.40 9.70
C GLU B 68 -6.72 10.20 9.74
N ARG B 69 -7.15 9.00 10.08
CA ARG B 69 -8.57 8.64 10.01
C ARG B 69 -9.44 9.57 10.81
N SER B 70 -8.90 10.11 11.90
CA SER B 70 -9.65 10.99 12.80
C SER B 70 -9.96 12.34 12.17
N ASP B 71 -9.13 12.75 11.21
CA ASP B 71 -9.33 13.98 10.43
C ASP B 71 -10.52 13.97 9.47
N ALA B 72 -11.02 12.79 9.14
CA ALA B 72 -12.22 12.69 8.32
C ALA B 72 -13.38 13.37 9.03
N GLY B 73 -14.27 13.97 8.25
CA GLY B 73 -15.48 14.59 8.79
C GLY B 73 -16.03 15.71 7.93
N ARG B 74 -17.06 16.38 8.45
CA ARG B 74 -17.76 17.45 7.74
C ARG B 74 -17.23 18.78 8.26
N TYR B 75 -16.69 19.57 7.34
CA TYR B 75 -16.07 20.85 7.67
C TYR B 75 -16.86 21.96 6.99
N TRP B 76 -17.03 23.06 7.70
CA TRP B 76 -17.68 24.22 7.09
C TRP B 76 -17.30 25.48 7.84
N CYS B 77 -17.64 26.62 7.25
CA CYS B 77 -17.40 27.89 7.87
C CYS B 77 -18.67 28.49 8.40
N GLN B 78 -18.55 29.16 9.54
CA GLN B 78 -19.65 29.92 10.12
C GLN B 78 -19.18 31.34 10.45
N VAL B 79 -20.15 32.21 10.70
CA VAL B 79 -19.89 33.58 11.16
C VAL B 79 -20.81 33.95 12.34
N GLU B 80 -20.50 35.08 12.98
CA GLU B 80 -21.36 35.68 14.00
C GLU B 80 -22.32 36.66 13.31
N ASP B 81 -23.53 36.79 13.87
CA ASP B 81 -24.56 37.70 13.33
C ASP B 81 -24.84 37.36 11.85
N GLY B 82 -25.09 36.07 11.60
CA GLY B 82 -25.19 35.51 10.27
C GLY B 82 -25.79 36.42 9.20
N GLY B 83 -27.02 36.86 9.41
CA GLY B 83 -27.74 37.68 8.44
C GLY B 83 -28.26 36.84 7.29
N GLU B 84 -28.17 37.39 6.07
CA GLU B 84 -28.42 36.63 4.84
C GLU B 84 -27.08 36.27 4.15
N THR B 85 -26.01 36.19 4.93
CA THR B 85 -24.69 35.81 4.40
C THR B 85 -24.73 34.51 3.57
N GLU B 86 -24.06 34.52 2.41
CA GLU B 86 -23.94 33.33 1.57
C GLU B 86 -22.67 32.56 1.90
N ILE B 87 -22.80 31.36 2.43
CA ILE B 87 -21.64 30.55 2.73
C ILE B 87 -21.63 29.28 1.87
N SER B 88 -20.45 28.96 1.35
CA SER B 88 -20.26 27.80 0.51
C SER B 88 -20.58 26.51 1.30
N GLN B 89 -20.93 25.48 0.54
CA GLN B 89 -21.36 24.19 1.07
C GLN B 89 -20.27 23.54 1.89
N PRO B 90 -20.66 22.72 2.86
CA PRO B 90 -19.66 21.97 3.63
C PRO B 90 -18.75 21.08 2.74
N VAL B 91 -17.53 20.83 3.22
CA VAL B 91 -16.62 19.89 2.60
C VAL B 91 -16.62 18.64 3.46
N TRP B 92 -17.03 17.53 2.87
CA TRP B 92 -16.86 16.24 3.49
C TRP B 92 -15.48 15.67 3.16
N LEU B 93 -14.58 15.68 4.13
CA LEU B 93 -13.26 15.07 3.99
C LEU B 93 -13.29 13.57 4.35
N THR B 94 -12.87 12.75 3.38
CA THR B 94 -12.72 11.33 3.56
C THR B 94 -11.24 11.04 3.48
N VAL B 95 -10.75 10.23 4.40
CA VAL B 95 -9.36 9.80 4.40
C VAL B 95 -9.31 8.31 4.02
N GLU B 96 -8.69 8.03 2.88
CA GLU B 96 -8.56 6.68 2.37
C GLU B 96 -7.21 6.05 2.78
N GLY B 97 -7.22 4.74 2.94
CA GLY B 97 -6.02 4.01 3.33
C GLY B 97 -6.31 2.53 3.33
N VAL B 98 -5.36 1.76 3.84
CA VAL B 98 -5.55 0.33 4.00
C VAL B 98 -6.63 0.11 5.08
N PRO B 99 -7.19 -1.09 5.17
CA PRO B 99 -8.30 -1.32 6.10
C PRO B 99 -7.87 -1.10 7.56
N PHE B 100 -8.85 -0.77 8.40
CA PHE B 100 -8.68 -0.58 9.84
C PHE B 100 -9.58 -1.57 10.59
N PHE B 101 -9.00 -2.33 11.50
CA PHE B 101 -9.78 -3.35 12.21
C PHE B 101 -10.66 -2.75 13.29
N THR B 102 -11.96 -2.81 13.06
CA THR B 102 -12.96 -2.40 14.04
C THR B 102 -13.24 -3.54 15.04
N VAL B 103 -13.10 -4.79 14.60
CA VAL B 103 -13.17 -5.95 15.52
C VAL B 103 -11.92 -6.81 15.39
N GLU B 104 -11.16 -6.90 16.47
CA GLU B 104 -9.92 -7.66 16.53
C GLU B 104 -10.20 -9.10 17.00
N PRO B 105 -9.43 -10.08 16.54
CA PRO B 105 -9.58 -11.44 17.09
C PRO B 105 -9.13 -11.47 18.53
N LYS B 106 -9.73 -12.38 19.31
CA LYS B 106 -9.58 -12.39 20.75
C LYS B 106 -8.76 -13.55 21.24
N ASP B 107 -7.96 -13.32 22.28
CA ASP B 107 -7.26 -14.42 22.93
C ASP B 107 -8.33 -15.27 23.60
N LEU B 108 -8.12 -16.59 23.60
CA LEU B 108 -9.03 -17.53 24.27
C LEU B 108 -8.22 -18.56 25.03
N ALA B 109 -8.82 -19.10 26.09
CA ALA B 109 -8.34 -20.34 26.74
C ALA B 109 -9.41 -21.39 26.56
N VAL B 110 -9.03 -22.54 26.02
CA VAL B 110 -9.99 -23.55 25.61
C VAL B 110 -9.51 -24.94 26.07
N PRO B 111 -10.44 -25.88 26.24
CA PRO B 111 -10.03 -27.28 26.47
C PRO B 111 -9.43 -27.84 25.20
N PRO B 112 -8.66 -28.90 25.30
CA PRO B 112 -8.12 -29.53 24.08
C PRO B 112 -9.28 -30.17 23.31
N ASN B 113 -9.19 -30.19 21.98
CA ASN B 113 -10.23 -30.76 21.09
C ASN B 113 -11.65 -30.25 21.36
N ALA B 114 -11.75 -28.96 21.63
CA ALA B 114 -13.03 -28.32 21.87
C ALA B 114 -13.18 -27.23 20.81
N PRO B 115 -14.34 -27.15 20.17
CA PRO B 115 -14.55 -26.12 19.16
C PRO B 115 -14.60 -24.74 19.74
N PHE B 116 -14.18 -23.80 18.90
CA PHE B 116 -14.31 -22.40 19.22
C PHE B 116 -14.44 -21.58 17.93
N GLN B 117 -14.78 -20.33 18.11
CA GLN B 117 -14.99 -19.41 17.02
C GLN B 117 -14.20 -18.14 17.31
N LEU B 118 -13.54 -17.65 16.28
CA LEU B 118 -12.91 -16.33 16.32
C LEU B 118 -13.59 -15.41 15.32
N SER B 119 -13.46 -14.11 15.53
CA SER B 119 -14.06 -13.15 14.64
C SER B 119 -13.14 -11.94 14.41
N CYS B 120 -13.22 -11.39 13.20
CA CYS B 120 -12.66 -10.05 12.96
C CYS B 120 -13.48 -9.22 11.93
N GLU B 121 -13.36 -7.91 12.04
CA GLU B 121 -14.01 -6.96 11.14
C GLU B 121 -12.99 -5.90 10.74
N ALA B 122 -12.91 -5.60 9.45
CA ALA B 122 -12.13 -4.45 8.97
C ALA B 122 -12.98 -3.59 8.01
N VAL B 123 -12.72 -2.30 8.05
CA VAL B 123 -13.43 -1.32 7.22
C VAL B 123 -12.41 -0.48 6.43
N GLY B 124 -12.91 0.27 5.46
CA GLY B 124 -12.10 1.17 4.69
C GLY B 124 -12.32 2.57 5.23
N PRO B 125 -12.42 3.58 4.37
CA PRO B 125 -12.43 3.45 2.91
C PRO B 125 -11.04 3.36 2.29
N PRO B 126 -10.93 2.87 1.06
CA PRO B 126 -12.09 2.42 0.27
C PRO B 126 -12.71 1.08 0.72
N GLU B 127 -13.96 0.87 0.29
CA GLU B 127 -14.68 -0.38 0.47
C GLU B 127 -14.82 -1.03 -0.92
N PRO B 128 -14.97 -2.35 -1.01
CA PRO B 128 -15.16 -3.23 0.13
C PRO B 128 -13.84 -3.81 0.64
N VAL B 129 -13.93 -4.46 1.80
CA VAL B 129 -12.79 -5.08 2.46
C VAL B 129 -13.00 -6.59 2.51
N THR B 130 -11.93 -7.33 2.24
CA THR B 130 -11.94 -8.77 2.32
C THR B 130 -10.89 -9.26 3.31
N ILE B 131 -11.17 -10.40 3.93
CA ILE B 131 -10.36 -10.93 5.01
C ILE B 131 -9.93 -12.38 4.76
N VAL B 132 -8.67 -12.65 5.08
CA VAL B 132 -8.11 -13.99 5.07
C VAL B 132 -7.61 -14.28 6.49
N TRP B 133 -7.68 -15.54 6.90
CA TRP B 133 -7.24 -15.94 8.24
C TRP B 133 -5.94 -16.66 8.12
N TRP B 134 -5.08 -16.40 9.09
CA TRP B 134 -3.85 -17.13 9.20
C TRP B 134 -3.85 -17.90 10.53
N ARG B 135 -3.62 -19.19 10.44
CA ARG B 135 -3.31 -20.03 11.60
C ARG B 135 -1.83 -20.34 11.52
N GLY B 136 -1.04 -19.82 12.45
CA GLY B 136 0.40 -19.96 12.40
C GLY B 136 0.81 -19.26 11.10
N THR B 137 1.43 -20.01 10.21
CA THR B 137 1.83 -19.49 8.88
C THR B 137 0.97 -20.03 7.72
N THR B 138 -0.13 -20.71 8.06
CA THR B 138 -1.00 -21.32 7.05
C THR B 138 -2.28 -20.50 6.84
N LYS B 139 -2.54 -20.17 5.58
CA LYS B 139 -3.79 -19.54 5.19
C LYS B 139 -4.90 -20.56 5.37
N ILE B 140 -5.86 -20.24 6.21
CA ILE B 140 -7.03 -21.07 6.38
C ILE B 140 -8.15 -20.43 5.57
N GLY B 141 -8.91 -19.55 6.22
CA GLY B 141 -10.16 -19.02 5.69
C GLY B 141 -10.01 -17.79 4.82
N GLY B 142 -11.14 -17.32 4.29
CA GLY B 142 -11.18 -16.27 3.29
C GLY B 142 -10.58 -16.69 1.94
N PRO B 143 -10.36 -15.75 1.02
CA PRO B 143 -10.82 -14.35 1.14
C PRO B 143 -12.33 -14.28 1.11
N ALA B 144 -12.91 -13.65 2.13
CA ALA B 144 -14.34 -13.45 2.21
C ALA B 144 -14.59 -12.04 2.73
N PRO B 145 -15.77 -11.49 2.46
CA PRO B 145 -16.10 -10.18 2.99
C PRO B 145 -16.02 -10.11 4.50
N SER B 146 -15.74 -8.89 5.00
CA SER B 146 -15.91 -8.54 6.40
C SER B 146 -17.40 -8.31 6.64
N PRO B 147 -17.94 -8.67 7.80
CA PRO B 147 -17.23 -9.35 8.89
C PRO B 147 -16.90 -10.82 8.60
N SER B 148 -15.91 -11.33 9.30
CA SER B 148 -15.46 -12.69 9.08
C SER B 148 -15.36 -13.46 10.38
N VAL B 149 -15.82 -14.71 10.35
CA VAL B 149 -15.62 -15.63 11.45
C VAL B 149 -14.82 -16.82 10.98
N LEU B 150 -14.17 -17.48 11.93
CA LEU B 150 -13.40 -18.68 11.65
C LEU B 150 -13.82 -19.71 12.72
N ASN B 151 -14.45 -20.81 12.29
CA ASN B 151 -14.77 -21.90 13.20
C ASN B 151 -13.65 -22.92 13.18
N VAL B 152 -13.14 -23.21 14.38
CA VAL B 152 -12.08 -24.18 14.57
C VAL B 152 -12.64 -25.35 15.40
N THR B 153 -12.37 -26.57 14.94
CA THR B 153 -12.88 -27.80 15.56
C THR B 153 -12.25 -28.02 16.94
N GLY B 154 -11.00 -27.61 17.05
CA GLY B 154 -10.25 -27.68 18.29
C GLY B 154 -8.77 -27.58 18.03
N VAL B 155 -8.02 -27.28 19.09
CA VAL B 155 -6.57 -27.27 19.11
C VAL B 155 -6.04 -28.15 20.25
N THR B 156 -4.76 -28.46 20.18
CA THR B 156 -4.13 -29.37 21.11
C THR B 156 -2.91 -28.75 21.77
N GLN B 157 -2.61 -27.51 21.37
CA GLN B 157 -1.55 -26.71 21.95
C GLN B 157 -1.81 -25.24 21.64
N SER B 158 -1.05 -24.37 22.31
CA SER B 158 -1.08 -22.93 22.07
C SER B 158 -0.93 -22.66 20.59
N THR B 159 -1.85 -21.87 20.03
CA THR B 159 -1.99 -21.64 18.57
C THR B 159 -2.33 -20.18 18.27
N MSE B 160 -1.59 -19.60 17.32
CA MSE B 160 -1.75 -18.19 16.96
C MSE B 160 -2.58 -18.03 15.70
O MSE B 160 -2.41 -18.78 14.74
CB MSE B 160 -0.40 -17.53 16.77
CG MSE B 160 0.48 -17.50 18.01
SE MSE B 160 2.11 -16.50 17.72
CE MSE B 160 1.75 -15.04 19.01
N PHE B 161 -3.49 -17.08 15.75
CA PHE B 161 -4.39 -16.77 14.65
C PHE B 161 -4.38 -15.25 14.40
N SER B 162 -4.42 -14.85 13.14
CA SER B 162 -4.63 -13.44 12.82
C SER B 162 -5.38 -13.27 11.52
N CYS B 163 -5.93 -12.09 11.33
CA CYS B 163 -6.61 -11.74 10.08
C CYS B 163 -5.72 -10.83 9.23
N GLU B 164 -5.78 -11.01 7.91
CA GLU B 164 -5.19 -10.07 6.96
C GLU B 164 -6.33 -9.49 6.11
N ALA B 165 -6.49 -8.17 6.18
CA ALA B 165 -7.55 -7.43 5.51
C ALA B 165 -7.04 -6.70 4.26
N HIS B 166 -7.89 -6.61 3.25
CA HIS B 166 -7.48 -6.09 1.94
C HIS B 166 -8.55 -5.21 1.31
N ASN B 167 -8.13 -4.02 0.88
CA ASN B 167 -8.92 -3.16 0.02
C ASN B 167 -8.04 -2.67 -1.14
N LEU B 168 -8.56 -1.78 -1.96
CA LEU B 168 -7.82 -1.33 -3.13
C LEU B 168 -6.45 -0.77 -2.78
N LYS B 169 -6.37 -0.12 -1.61
CA LYS B 169 -5.16 0.56 -1.18
C LYS B 169 -4.07 -0.38 -0.64
N GLY B 170 -4.43 -1.62 -0.35
CA GLY B 170 -3.48 -2.61 0.15
C GLY B 170 -3.94 -3.42 1.36
N LEU B 171 -2.97 -3.80 2.20
CA LEU B 171 -3.14 -4.79 3.27
C LEU B 171 -2.97 -4.21 4.65
N ALA B 172 -3.71 -4.76 5.63
CA ALA B 172 -3.43 -4.52 7.02
C ALA B 172 -3.67 -5.83 7.80
N SER B 173 -2.87 -6.02 8.85
CA SER B 173 -3.02 -7.15 9.77
C SER B 173 -3.70 -6.78 11.08
N SER B 174 -4.50 -7.71 11.61
CA SER B 174 -5.07 -7.56 12.93
C SER B 174 -3.97 -7.86 13.92
N ARG B 175 -4.25 -7.64 15.20
CA ARG B 175 -3.47 -8.21 16.28
C ARG B 175 -3.47 -9.73 16.09
N THR B 176 -2.44 -10.37 16.61
CA THR B 176 -2.39 -11.81 16.68
C THR B 176 -3.05 -12.28 17.97
N ALA B 177 -4.10 -13.07 17.80
CA ALA B 177 -4.76 -13.75 18.90
C ALA B 177 -4.03 -15.05 19.24
N THR B 178 -3.89 -15.34 20.52
CA THR B 178 -3.34 -16.61 20.96
C THR B 178 -4.48 -17.40 21.63
N VAL B 179 -4.69 -18.61 21.15
CA VAL B 179 -5.56 -19.58 21.79
C VAL B 179 -4.66 -20.57 22.53
N HIS B 180 -4.84 -20.66 23.84
CA HIS B 180 -4.10 -21.66 24.60
C HIS B 180 -5.04 -22.58 25.37
N LEU B 181 -4.48 -23.62 25.98
CA LEU B 181 -5.30 -24.60 26.70
C LEU B 181 -5.64 -24.14 28.13
N GLN B 182 -6.85 -24.44 28.58
CA GLN B 182 -7.32 -24.15 29.96
C GLN B 182 -6.38 -24.64 31.08
ZN ZN C . -7.99 -5.88 -4.43
C ACT D . -6.53 -8.45 -5.29
O ACT D . -5.65 -8.20 -6.14
OXT ACT D . -7.24 -7.48 -4.95
CH3 ACT D . -6.74 -9.84 -4.75
C ACT E . 21.02 -21.68 -9.72
O ACT E . 19.80 -21.47 -9.49
OXT ACT E . 21.33 -21.98 -10.89
CH3 ACT E . 22.06 -21.60 -8.63
C ACT F . 4.17 13.73 -29.05
O ACT F . 3.30 13.76 -28.15
OXT ACT F . 4.31 12.65 -29.65
CH3 ACT F . 4.97 14.94 -29.39
C ACT G . -24.27 19.04 8.21
O ACT G . -25.33 19.12 8.88
OXT ACT G . -24.22 18.12 7.36
CH3 ACT G . -23.15 20.01 8.40
N1 EPE H . -25.36 24.08 9.46
C2 EPE H . -24.46 25.23 9.38
C3 EPE H . -24.10 25.57 7.94
N4 EPE H . -23.73 24.44 7.08
C5 EPE H . -24.60 23.29 7.30
C6 EPE H . -24.73 22.94 8.78
C7 EPE H . -23.87 24.83 5.67
C8 EPE H . -22.90 25.89 5.17
O8 EPE H . -23.40 26.37 3.94
C9 EPE H . -25.63 23.76 10.89
C10 EPE H . -25.73 24.81 11.77
S EPE H . -27.33 24.96 12.67
O1S EPE H . -27.39 26.28 13.33
O2S EPE H . -27.48 23.89 13.65
O3S EPE H . -28.43 24.86 11.72
#